data_6NOY
#
_entry.id   6NOY
#
_cell.length_a   95.500
_cell.length_b   95.500
_cell.length_c   177.100
_cell.angle_alpha   90.000
_cell.angle_beta   90.000
_cell.angle_gamma   120.000
#
_symmetry.space_group_name_H-M   'P 32 2 1'
#
_entity_poly.entity_id   1
_entity_poly.type   'polypeptide(L)'
_entity_poly.pdbx_seq_one_letter_code
;GSH(MSE)SNNALDRLINKQKPKVPPRNDVVSESVSNDIKTQGQQELNTSLPPSDTKATPEE(MSE)PTSHESETSLSQD
QKPKLSPDTFETVRNTIRIESEVDESLRQLCHEERITKETWLEAAYLYLCEKPEELAQVIQLAQERLSQRKAIADYKRAK
T(MSE)QERFL
;
_entity_poly.pdbx_strand_id   G,H,A,B
#
# COMPACT_ATOMS: atom_id res chain seq x y z
N THR A 81 54.06 -6.72 -2.77
CA THR A 81 53.75 -7.38 -4.03
C THR A 81 52.56 -6.72 -4.71
N PHE A 82 52.51 -6.81 -6.04
CA PHE A 82 51.46 -6.18 -6.83
C PHE A 82 51.09 -7.09 -7.99
N GLU A 83 49.87 -7.61 -7.96
CA GLU A 83 49.32 -8.40 -9.05
C GLU A 83 47.95 -7.86 -9.42
N THR A 84 47.47 -8.25 -10.60
CA THR A 84 46.15 -7.86 -11.08
C THR A 84 45.38 -9.10 -11.54
N VAL A 85 44.08 -9.10 -11.28
CA VAL A 85 43.18 -10.19 -11.67
C VAL A 85 42.34 -9.72 -12.85
N ARG A 86 42.16 -10.61 -13.83
CA ARG A 86 41.46 -10.28 -15.07
C ARG A 86 40.05 -10.84 -15.00
N ASN A 87 39.13 -10.06 -14.43
CA ASN A 87 37.73 -10.43 -14.39
C ASN A 87 36.99 -9.80 -15.56
N THR A 88 36.13 -10.59 -16.20
CA THR A 88 35.23 -10.08 -17.22
C THR A 88 33.98 -9.52 -16.55
N ILE A 89 33.56 -8.33 -16.98
CA ILE A 89 32.45 -7.63 -16.35
C ILE A 89 31.37 -7.39 -17.38
N ARG A 90 30.12 -7.45 -16.94
CA ARG A 90 28.95 -7.18 -17.78
C ARG A 90 28.15 -6.10 -17.08
N ILE A 91 28.26 -4.86 -17.55
CA ILE A 91 27.67 -3.71 -16.88
C ILE A 91 26.36 -3.36 -17.57
N GLU A 92 25.40 -2.90 -16.77
CA GLU A 92 24.13 -2.41 -17.30
C GLU A 92 24.38 -1.29 -18.31
N SER A 93 23.48 -1.18 -19.29
CA SER A 93 23.78 -0.40 -20.50
C SER A 93 23.84 1.10 -20.22
N GLU A 94 22.80 1.65 -19.58
CA GLU A 94 22.79 3.10 -19.33
C GLU A 94 23.97 3.51 -18.46
N VAL A 95 24.31 2.71 -17.44
CA VAL A 95 25.38 3.08 -16.52
C VAL A 95 26.74 2.96 -17.20
N ASP A 96 26.95 1.87 -17.96
CA ASP A 96 28.24 1.70 -18.65
C ASP A 96 28.52 2.85 -19.60
N GLU A 97 27.52 3.23 -20.40
CA GLU A 97 27.67 4.37 -21.29
C GLU A 97 27.88 5.67 -20.54
N SER A 98 27.64 5.69 -19.23
CA SER A 98 27.88 6.86 -18.40
C SER A 98 29.20 6.82 -17.65
N LEU A 99 29.66 5.63 -17.24
CA LEU A 99 31.00 5.53 -16.65
C LEU A 99 32.08 5.82 -17.67
N ARG A 100 31.94 5.27 -18.88
CA ARG A 100 32.90 5.54 -19.94
C ARG A 100 32.93 7.02 -20.30
N GLN A 101 31.78 7.69 -20.20
CA GLN A 101 31.74 9.14 -20.41
C GLN A 101 32.45 9.89 -19.28
N LEU A 102 32.39 9.36 -18.05
CA LEU A 102 33.10 9.97 -16.94
C LEU A 102 34.61 9.79 -17.10
N CYS A 103 35.05 8.55 -17.30
CA CYS A 103 36.49 8.27 -17.30
C CYS A 103 37.20 8.86 -18.50
N HIS A 104 36.49 9.01 -19.63
CA HIS A 104 37.12 9.62 -20.81
C HIS A 104 37.41 11.10 -20.58
N GLU A 105 36.54 11.80 -19.86
CA GLU A 105 36.72 13.20 -19.55
C GLU A 105 37.22 13.41 -18.12
N GLU A 106 38.02 12.48 -17.61
CA GLU A 106 38.61 12.60 -16.29
C GLU A 106 40.03 12.03 -16.22
N ARG A 107 40.56 11.50 -17.33
CA ARG A 107 41.85 10.80 -17.35
C ARG A 107 41.85 9.67 -16.33
N ILE A 108 40.81 8.83 -16.41
CA ILE A 108 40.64 7.69 -15.53
C ILE A 108 40.24 6.49 -16.37
N THR A 109 40.35 5.31 -15.79
CA THR A 109 39.82 4.10 -16.37
C THR A 109 38.85 3.47 -15.38
N LYS A 110 37.78 2.85 -15.90
CA LYS A 110 36.70 2.38 -15.03
C LYS A 110 37.17 1.35 -14.02
N GLU A 111 38.27 0.65 -14.29
CA GLU A 111 38.72 -0.34 -13.33
C GLU A 111 39.42 0.31 -12.15
N THR A 112 40.24 1.34 -12.40
CA THR A 112 40.83 2.08 -11.29
C THR A 112 39.75 2.76 -10.46
N TRP A 113 38.70 3.25 -11.13
CA TRP A 113 37.56 3.83 -10.41
C TRP A 113 36.95 2.81 -9.46
N LEU A 114 36.76 1.58 -9.93
CA LEU A 114 36.22 0.52 -9.08
C LEU A 114 37.11 0.26 -7.88
N GLU A 115 38.43 0.26 -8.08
CA GLU A 115 39.35 0.20 -6.95
C GLU A 115 39.12 1.37 -6.00
N ALA A 116 39.02 2.58 -6.55
CA ALA A 116 38.81 3.76 -5.72
C ALA A 116 37.47 3.71 -5.01
N ALA A 117 36.41 3.30 -5.73
CA ALA A 117 35.10 3.21 -5.12
C ALA A 117 35.10 2.27 -3.93
N TYR A 118 35.68 1.08 -4.10
CA TYR A 118 35.72 0.11 -3.01
C TYR A 118 36.58 0.64 -1.86
N LEU A 119 37.78 1.10 -2.18
CA LEU A 119 38.70 1.56 -1.14
C LEU A 119 38.10 2.69 -0.32
N TYR A 120 37.31 3.55 -0.96
CA TYR A 120 36.60 4.60 -0.24
C TYR A 120 35.53 4.01 0.67
N LEU A 121 34.59 3.27 0.08
CA LEU A 121 33.36 2.93 0.77
C LEU A 121 33.58 1.90 1.88
N CYS A 122 34.60 1.05 1.75
CA CYS A 122 34.77 -0.02 2.72
C CYS A 122 35.20 0.50 4.08
N GLU A 123 35.91 1.63 4.11
CA GLU A 123 36.27 2.30 5.36
C GLU A 123 35.11 3.05 6.00
N LYS A 124 33.91 2.97 5.44
CA LYS A 124 32.76 3.74 5.92
C LYS A 124 31.56 2.81 5.97
N PRO A 125 31.42 2.04 7.06
CA PRO A 125 30.46 0.92 7.05
C PRO A 125 29.04 1.28 6.67
N GLU A 126 28.46 2.33 7.27
CA GLU A 126 27.05 2.63 7.07
C GLU A 126 26.74 2.90 5.60
N GLU A 127 27.65 3.54 4.87
CA GLU A 127 27.43 3.77 3.46
C GLU A 127 27.69 2.51 2.63
N LEU A 128 28.58 1.64 3.10
CA LEU A 128 28.80 0.36 2.44
C LEU A 128 27.51 -0.45 2.46
N ALA A 129 26.91 -0.59 3.64
CA ALA A 129 25.67 -1.34 3.77
C ALA A 129 24.59 -0.83 2.83
N GLN A 130 24.67 0.44 2.44
CA GLN A 130 23.69 0.97 1.50
C GLN A 130 24.02 0.57 0.07
N VAL A 131 25.27 0.70 -0.36
CA VAL A 131 25.61 0.28 -1.72
C VAL A 131 25.48 -1.23 -1.84
N ILE A 132 25.68 -1.96 -0.75
CA ILE A 132 25.32 -3.38 -0.73
C ILE A 132 23.83 -3.54 -1.05
N GLN A 133 22.99 -2.82 -0.32
CA GLN A 133 21.55 -2.93 -0.50
C GLN A 133 21.15 -2.48 -1.91
N LEU A 134 21.71 -1.37 -2.38
CA LEU A 134 21.42 -0.93 -3.74
C LEU A 134 21.85 -1.99 -4.75
N ALA A 135 22.98 -2.66 -4.48
CA ALA A 135 23.43 -3.73 -5.37
C ALA A 135 22.48 -4.92 -5.30
N GLN A 136 22.17 -5.38 -4.09
CA GLN A 136 21.23 -6.48 -3.86
C GLN A 136 19.97 -6.29 -4.69
N GLU A 137 19.47 -5.06 -4.75
CA GLU A 137 18.34 -4.74 -5.60
C GLU A 137 18.76 -4.69 -7.07
N ARG A 138 19.92 -4.08 -7.34
CA ARG A 138 20.38 -3.93 -8.72
C ARG A 138 20.53 -5.29 -9.40
N LEU A 139 20.80 -6.34 -8.62
CA LEU A 139 20.93 -7.69 -9.13
C LEU A 139 19.59 -8.40 -9.22
N SER A 140 18.77 -8.29 -8.18
CA SER A 140 17.39 -8.78 -8.25
C SER A 140 16.67 -8.17 -9.44
N GLN A 141 16.91 -6.88 -9.71
CA GLN A 141 16.40 -6.23 -10.89
C GLN A 141 16.72 -7.01 -12.16
N ARG A 142 18.02 -7.19 -12.44
CA ARG A 142 18.41 -7.77 -13.72
C ARG A 142 18.11 -9.26 -13.79
N LYS A 143 18.12 -9.96 -12.66
CA LYS A 143 17.77 -11.38 -12.69
C LYS A 143 16.28 -11.59 -12.85
N ALA A 144 15.45 -10.61 -12.47
CA ALA A 144 14.04 -10.65 -12.84
C ALA A 144 13.87 -10.42 -14.33
N ILE A 145 14.58 -9.41 -14.86
CA ILE A 145 14.57 -9.17 -16.31
C ILE A 145 15.03 -10.41 -17.06
N ALA A 146 15.90 -11.22 -16.46
CA ALA A 146 16.34 -12.46 -17.10
C ALA A 146 15.21 -13.47 -17.16
N ASP A 147 14.42 -13.58 -16.08
CA ASP A 147 13.30 -14.52 -16.08
C ASP A 147 12.30 -14.19 -17.16
N TYR A 148 12.01 -12.90 -17.35
CA TYR A 148 11.10 -12.48 -18.40
C TYR A 148 11.63 -12.83 -19.78
N LYS A 149 12.90 -12.50 -20.05
CA LYS A 149 13.46 -12.74 -21.37
C LYS A 149 13.37 -14.21 -21.75
N ARG A 150 13.57 -15.11 -20.79
CA ARG A 150 13.49 -16.53 -21.08
C ARG A 150 12.04 -16.99 -21.24
N ALA A 151 11.10 -16.34 -20.53
CA ALA A 151 9.71 -16.78 -20.58
C ALA A 151 9.06 -16.45 -21.91
N LYS A 152 9.29 -15.22 -22.41
CA LYS A 152 8.73 -14.84 -23.71
C LYS A 152 9.39 -15.62 -24.84
N THR A 153 10.73 -15.72 -24.81
CA THR A 153 11.46 -16.34 -25.92
C THR A 153 11.06 -17.79 -26.11
N GLN A 155 7.94 -18.80 -25.28
CA GLN A 155 6.61 -18.61 -25.87
C GLN A 155 6.72 -18.28 -27.34
N GLU A 156 7.76 -17.55 -27.74
CA GLU A 156 7.83 -16.96 -29.07
C GLU A 156 7.77 -18.03 -30.15
N ARG A 157 8.41 -19.17 -29.91
CA ARG A 157 8.32 -20.30 -30.82
C ARG A 157 7.35 -21.36 -30.33
N PHE A 158 6.90 -21.28 -29.08
CA PHE A 158 5.77 -22.06 -28.61
C PHE A 158 4.47 -21.63 -29.30
N LEU A 159 4.51 -20.51 -30.02
CA LEU A 159 3.40 -19.94 -30.79
C LEU A 159 2.35 -19.32 -29.88
N ASP B 80 -34.71 -23.14 -15.50
CA ASP B 80 -33.82 -24.30 -15.45
C ASP B 80 -32.62 -23.96 -14.55
N THR B 81 -31.70 -24.91 -14.39
CA THR B 81 -30.57 -24.76 -13.47
C THR B 81 -29.37 -24.14 -14.19
N PHE B 82 -29.28 -22.80 -14.15
CA PHE B 82 -28.22 -22.05 -14.82
C PHE B 82 -27.78 -20.90 -13.90
N GLU B 83 -27.02 -21.24 -12.87
CA GLU B 83 -26.41 -20.22 -12.04
C GLU B 83 -25.26 -19.56 -12.79
N THR B 84 -24.62 -18.58 -12.14
CA THR B 84 -23.47 -17.91 -12.72
C THR B 84 -22.54 -17.48 -11.61
N VAL B 85 -21.23 -17.62 -11.85
CA VAL B 85 -20.21 -17.38 -10.84
C VAL B 85 -19.39 -16.18 -11.26
N ARG B 86 -19.06 -15.31 -10.30
CA ARG B 86 -18.42 -14.03 -10.55
C ARG B 86 -16.99 -14.06 -10.02
N ASN B 87 -16.03 -13.73 -10.88
CA ASN B 87 -14.64 -13.52 -10.50
C ASN B 87 -14.03 -12.46 -11.38
N THR B 88 -13.03 -11.75 -10.85
CA THR B 88 -12.43 -10.59 -11.49
C THR B 88 -11.16 -11.01 -12.23
N ILE B 89 -11.00 -10.51 -13.45
CA ILE B 89 -9.98 -11.00 -14.37
C ILE B 89 -9.10 -9.85 -14.80
N ARG B 90 -7.79 -10.10 -14.90
CA ARG B 90 -6.81 -9.12 -15.35
C ARG B 90 -6.04 -9.70 -16.54
N ILE B 91 -5.98 -8.94 -17.63
CA ILE B 91 -5.39 -9.39 -18.88
C ILE B 91 -4.37 -8.37 -19.34
N GLU B 92 -3.28 -8.84 -19.95
CA GLU B 92 -2.30 -7.96 -20.58
C GLU B 92 -3.01 -7.06 -21.59
N SER B 93 -2.61 -5.79 -21.61
CA SER B 93 -3.38 -4.76 -22.32
C SER B 93 -3.48 -5.06 -23.80
N GLU B 94 -2.36 -5.41 -24.43
CA GLU B 94 -2.37 -5.63 -25.88
C GLU B 94 -3.29 -6.78 -26.26
N VAL B 95 -3.33 -7.83 -25.43
CA VAL B 95 -4.22 -8.95 -25.70
C VAL B 95 -5.66 -8.56 -25.36
N ASP B 96 -5.86 -7.85 -24.24
CA ASP B 96 -7.20 -7.48 -23.81
C ASP B 96 -7.90 -6.61 -24.85
N GLU B 97 -7.28 -5.50 -25.24
CA GLU B 97 -7.91 -4.60 -26.21
C GLU B 97 -7.96 -5.18 -27.61
N SER B 98 -7.53 -6.42 -27.80
CA SER B 98 -7.73 -7.17 -29.03
C SER B 98 -8.84 -8.20 -28.91
N LEU B 99 -8.89 -8.92 -27.78
CA LEU B 99 -10.02 -9.81 -27.51
C LEU B 99 -11.31 -9.01 -27.35
N ARG B 100 -11.26 -7.90 -26.61
CA ARG B 100 -12.43 -7.04 -26.47
C ARG B 100 -12.86 -6.50 -27.83
N GLN B 101 -11.92 -6.30 -28.75
CA GLN B 101 -12.28 -5.89 -30.09
C GLN B 101 -12.90 -7.05 -30.87
N LEU B 102 -12.41 -8.27 -30.66
CA LEU B 102 -12.99 -9.43 -31.34
C LEU B 102 -14.39 -9.71 -30.83
N CYS B 103 -14.60 -9.62 -29.51
CA CYS B 103 -15.92 -9.82 -28.95
C CYS B 103 -16.91 -8.79 -29.47
N HIS B 104 -16.46 -7.54 -29.64
CA HIS B 104 -17.30 -6.51 -30.23
C HIS B 104 -17.41 -6.68 -31.73
N GLU B 105 -16.37 -7.21 -32.38
CA GLU B 105 -16.40 -7.41 -33.82
C GLU B 105 -17.38 -8.49 -34.24
N GLU B 106 -17.76 -9.39 -33.32
CA GLU B 106 -18.58 -10.54 -33.68
C GLU B 106 -19.78 -10.70 -32.75
N ARG B 107 -20.10 -9.68 -31.95
CA ARG B 107 -21.24 -9.69 -31.04
C ARG B 107 -21.18 -10.88 -30.08
N ILE B 108 -20.07 -10.95 -29.34
CA ILE B 108 -19.86 -11.95 -28.31
C ILE B 108 -19.51 -11.24 -27.02
N THR B 109 -19.46 -11.99 -25.93
CA THR B 109 -18.98 -11.49 -24.66
C THR B 109 -17.66 -12.17 -24.30
N LYS B 110 -16.80 -11.39 -23.66
CA LYS B 110 -15.54 -11.89 -23.12
C LYS B 110 -15.73 -13.18 -22.33
N GLU B 111 -16.70 -13.19 -21.40
CA GLU B 111 -16.94 -14.39 -20.60
C GLU B 111 -17.38 -15.56 -21.47
N THR B 112 -17.98 -15.28 -22.63
CA THR B 112 -18.48 -16.33 -23.51
C THR B 112 -17.39 -16.89 -24.41
N TRP B 113 -16.50 -16.04 -24.93
CA TRP B 113 -15.41 -16.53 -25.75
C TRP B 113 -14.51 -17.46 -24.94
N LEU B 114 -14.27 -17.11 -23.67
CA LEU B 114 -13.52 -17.99 -22.78
C LEU B 114 -14.23 -19.33 -22.61
N GLU B 115 -15.56 -19.31 -22.44
CA GLU B 115 -16.31 -20.55 -22.30
C GLU B 115 -16.20 -21.41 -23.55
N ALA B 116 -16.31 -20.78 -24.73
CA ALA B 116 -16.23 -21.53 -25.98
C ALA B 116 -14.86 -22.14 -26.17
N ALA B 117 -13.81 -21.36 -25.92
CA ALA B 117 -12.45 -21.88 -26.01
C ALA B 117 -12.24 -23.05 -25.04
N TYR B 118 -12.67 -22.87 -23.79
CA TYR B 118 -12.40 -23.90 -22.79
C TYR B 118 -13.11 -25.21 -23.13
N LEU B 119 -14.36 -25.12 -23.60
CA LEU B 119 -15.06 -26.33 -23.99
C LEU B 119 -14.44 -26.95 -25.24
N TYR B 120 -14.01 -26.11 -26.17
CA TYR B 120 -13.42 -26.60 -27.41
C TYR B 120 -12.08 -27.27 -27.16
N LEU B 121 -11.21 -26.63 -26.39
CA LEU B 121 -9.90 -27.20 -26.11
C LEU B 121 -10.00 -28.40 -25.18
N CYS B 122 -10.92 -28.37 -24.21
CA CYS B 122 -11.07 -29.47 -23.28
C CYS B 122 -11.39 -30.78 -23.99
N GLU B 123 -11.97 -30.71 -25.19
CA GLU B 123 -12.26 -31.90 -25.99
C GLU B 123 -11.25 -32.10 -27.11
N LYS B 124 -10.20 -31.29 -27.17
CA LYS B 124 -9.08 -31.46 -28.09
C LYS B 124 -7.82 -31.56 -27.23
N PRO B 125 -7.60 -32.69 -26.56
CA PRO B 125 -6.65 -32.70 -25.44
C PRO B 125 -5.21 -32.42 -25.83
N GLU B 126 -4.75 -32.95 -26.96
CA GLU B 126 -3.40 -32.66 -27.43
C GLU B 126 -3.22 -31.18 -27.71
N GLU B 127 -4.31 -30.45 -27.99
CA GLU B 127 -4.22 -29.03 -28.23
C GLU B 127 -4.29 -28.23 -26.94
N LEU B 128 -5.15 -28.64 -26.00
CA LEU B 128 -5.23 -27.96 -24.71
C LEU B 128 -3.93 -28.07 -23.94
N ALA B 129 -3.21 -29.18 -24.09
CA ALA B 129 -1.92 -29.32 -23.43
C ALA B 129 -0.98 -28.17 -23.80
N GLN B 130 -1.00 -27.77 -25.06
CA GLN B 130 -0.16 -26.64 -25.49
C GLN B 130 -0.63 -25.33 -24.86
N VAL B 131 -1.95 -25.12 -24.81
CA VAL B 131 -2.48 -23.92 -24.17
C VAL B 131 -2.02 -23.85 -22.71
N ILE B 132 -2.05 -25.00 -22.01
CA ILE B 132 -1.71 -25.03 -20.60
C ILE B 132 -0.26 -24.57 -20.39
N GLN B 133 0.68 -25.21 -21.09
CA GLN B 133 2.08 -24.81 -20.96
C GLN B 133 2.29 -23.36 -21.38
N LEU B 134 1.52 -22.88 -22.35
CA LEU B 134 1.59 -21.47 -22.71
C LEU B 134 1.06 -20.60 -21.58
N ALA B 135 0.03 -21.07 -20.88
CA ALA B 135 -0.57 -20.28 -19.81
C ALA B 135 0.39 -20.11 -18.64
N GLN B 136 0.92 -21.23 -18.13
CA GLN B 136 1.85 -21.13 -17.00
C GLN B 136 3.15 -20.45 -17.41
N GLU B 137 3.53 -20.52 -18.69
CA GLU B 137 4.66 -19.73 -19.15
C GLU B 137 4.31 -18.27 -19.28
N ARG B 138 3.02 -17.93 -19.38
CA ARG B 138 2.59 -16.54 -19.29
C ARG B 138 2.53 -16.09 -17.84
N LEU B 139 2.11 -16.98 -16.94
CA LEU B 139 2.12 -16.67 -15.51
C LEU B 139 3.56 -16.52 -15.01
N SER B 140 4.42 -17.49 -15.34
CA SER B 140 5.83 -17.35 -15.02
C SER B 140 6.40 -16.08 -15.63
N GLN B 141 5.99 -15.76 -16.86
CA GLN B 141 6.33 -14.47 -17.45
C GLN B 141 5.79 -13.33 -16.60
N ARG B 142 4.57 -13.48 -16.08
CA ARG B 142 3.95 -12.40 -15.31
C ARG B 142 4.70 -12.13 -14.01
N LYS B 143 5.12 -13.19 -13.31
CA LYS B 143 5.89 -13.00 -12.08
C LYS B 143 7.13 -12.17 -12.35
N ALA B 144 7.77 -12.38 -13.50
CA ALA B 144 8.99 -11.66 -13.83
C ALA B 144 8.72 -10.17 -13.99
N ILE B 145 7.73 -9.81 -14.80
CA ILE B 145 7.39 -8.40 -14.99
C ILE B 145 7.01 -7.76 -13.66
N ALA B 146 6.44 -8.54 -12.75
CA ALA B 146 6.14 -8.03 -11.41
C ALA B 146 7.42 -7.95 -10.57
N ASP B 147 8.21 -9.03 -10.56
CA ASP B 147 9.44 -9.04 -9.76
C ASP B 147 10.42 -7.97 -10.24
N TYR B 148 10.39 -7.62 -11.52
CA TYR B 148 11.14 -6.47 -12.00
C TYR B 148 10.77 -5.23 -11.21
N LYS B 149 9.47 -4.89 -11.21
CA LYS B 149 9.04 -3.67 -10.53
C LYS B 149 9.14 -3.80 -9.03
N ARG B 150 9.04 -5.03 -8.51
CA ARG B 150 9.34 -5.30 -7.12
C ARG B 150 10.69 -4.72 -6.72
N ALA B 151 11.70 -4.95 -7.55
CA ALA B 151 13.07 -4.54 -7.26
C ALA B 151 13.35 -3.09 -7.66
N LYS B 152 12.93 -2.70 -8.87
CA LYS B 152 13.22 -1.35 -9.34
C LYS B 152 12.61 -0.29 -8.41
N THR B 153 11.47 -0.61 -7.79
CA THR B 153 10.93 0.26 -6.74
C THR B 153 11.84 0.24 -5.52
N GLN B 155 14.91 -0.22 -5.46
CA GLN B 155 16.15 0.48 -5.76
C GLN B 155 16.07 1.94 -5.34
N GLU B 156 15.04 2.66 -5.80
CA GLU B 156 14.94 4.08 -5.51
C GLU B 156 14.84 4.37 -4.01
N ARG B 157 14.51 3.38 -3.20
CA ARG B 157 14.56 3.50 -1.75
C ARG B 157 15.99 3.54 -1.22
N PHE B 158 17.02 3.60 -2.07
CA PHE B 158 18.40 3.58 -1.60
C PHE B 158 19.29 4.44 -2.50
N LEU B 159 18.89 4.61 -3.76
CA LEU B 159 19.66 5.41 -4.70
C LEU B 159 19.49 6.90 -4.39
N ASP C 80 -42.66 43.51 26.80
CA ASP C 80 -42.21 42.13 26.89
C ASP C 80 -40.70 42.06 27.13
N THR C 81 -40.29 41.10 27.97
CA THR C 81 -38.88 40.90 28.31
C THR C 81 -38.31 39.81 27.40
N PHE C 82 -37.37 40.19 26.54
CA PHE C 82 -36.90 39.29 25.49
C PHE C 82 -35.47 39.67 25.11
N GLU C 83 -34.51 39.12 25.87
CA GLU C 83 -33.12 39.19 25.48
C GLU C 83 -32.77 37.95 24.65
N THR C 84 -31.60 37.99 24.02
CA THR C 84 -31.14 36.89 23.19
C THR C 84 -29.66 36.67 23.42
N VAL C 85 -29.29 35.42 23.70
CA VAL C 85 -27.92 35.06 24.07
C VAL C 85 -27.18 34.60 22.81
N ARG C 86 -25.98 35.12 22.61
CA ARG C 86 -25.17 34.82 21.44
C ARG C 86 -24.01 33.93 21.83
N ASN C 87 -23.83 32.84 21.10
CA ASN C 87 -22.71 31.93 21.30
C ASN C 87 -22.28 31.37 19.96
N THR C 88 -21.05 30.87 19.91
CA THR C 88 -20.46 30.34 18.70
C THR C 88 -20.65 28.83 18.66
N ILE C 89 -21.12 28.33 17.52
CA ILE C 89 -21.48 26.92 17.39
C ILE C 89 -20.68 26.32 16.23
N ARG C 90 -20.38 25.02 16.35
CA ARG C 90 -19.60 24.30 15.35
C ARG C 90 -20.27 22.97 15.10
N ILE C 91 -20.70 22.75 13.85
CA ILE C 91 -21.50 21.59 13.50
C ILE C 91 -20.73 20.72 12.51
N GLU C 92 -20.92 19.41 12.62
CA GLU C 92 -20.32 18.47 11.68
C GLU C 92 -20.79 18.79 10.26
N SER C 93 -19.94 18.46 9.29
CA SER C 93 -20.13 18.92 7.91
C SER C 93 -21.48 18.49 7.35
N GLU C 94 -21.84 17.22 7.55
CA GLU C 94 -23.08 16.70 6.96
C GLU C 94 -24.29 17.43 7.52
N VAL C 95 -24.42 17.48 8.85
CA VAL C 95 -25.58 18.12 9.47
C VAL C 95 -25.63 19.60 9.11
N ASP C 96 -24.47 20.27 9.12
CA ASP C 96 -24.43 21.68 8.75
C ASP C 96 -24.94 21.90 7.33
N GLU C 97 -24.64 20.96 6.43
CA GLU C 97 -25.10 21.08 5.05
C GLU C 97 -26.57 20.71 4.90
N SER C 98 -27.09 19.85 5.77
CA SER C 98 -28.48 19.44 5.67
C SER C 98 -29.42 20.39 6.40
N LEU C 99 -28.97 20.97 7.51
CA LEU C 99 -29.78 21.96 8.21
C LEU C 99 -30.02 23.19 7.34
N ARG C 100 -28.97 23.68 6.68
CA ARG C 100 -29.10 24.87 5.83
C ARG C 100 -30.03 24.60 4.65
N GLN C 101 -30.11 23.35 4.18
CA GLN C 101 -31.04 23.03 3.10
C GLN C 101 -32.48 23.09 3.60
N LEU C 102 -32.72 22.57 4.79
CA LEU C 102 -34.07 22.62 5.37
C LEU C 102 -34.48 24.06 5.66
N CYS C 103 -33.58 24.83 6.28
CA CYS C 103 -33.96 26.14 6.81
C CYS C 103 -34.29 27.12 5.68
N HIS C 104 -33.40 27.26 4.70
CA HIS C 104 -33.60 28.25 3.66
C HIS C 104 -34.70 27.84 2.68
N GLU C 105 -35.08 26.57 2.64
CA GLU C 105 -36.26 26.12 1.92
C GLU C 105 -37.48 26.04 2.83
N GLU C 106 -37.41 26.65 4.01
CA GLU C 106 -38.56 26.72 4.91
C GLU C 106 -38.70 28.12 5.51
N ARG C 107 -37.91 29.09 5.05
CA ARG C 107 -37.83 30.43 5.65
C ARG C 107 -37.62 30.34 7.17
N ILE C 108 -36.61 29.56 7.55
CA ILE C 108 -36.29 29.29 8.94
C ILE C 108 -34.82 29.63 9.18
N THR C 109 -34.49 29.97 10.42
CA THR C 109 -33.11 30.13 10.84
C THR C 109 -32.72 28.98 11.76
N LYS C 110 -31.42 28.65 11.76
CA LYS C 110 -30.92 27.56 12.60
C LYS C 110 -31.21 27.83 14.07
N GLU C 111 -31.28 29.10 14.47
CA GLU C 111 -31.60 29.45 15.84
C GLU C 111 -32.97 28.93 16.25
N THR C 112 -33.99 29.32 15.48
CA THR C 112 -35.37 28.96 15.84
C THR C 112 -35.57 27.46 15.80
N TRP C 113 -35.01 26.79 14.80
CA TRP C 113 -35.09 25.34 14.73
C TRP C 113 -34.53 24.70 15.98
N LEU C 114 -33.36 25.17 16.43
CA LEU C 114 -32.78 24.68 17.68
C LEU C 114 -33.69 24.97 18.87
N GLU C 115 -34.22 26.19 18.94
CA GLU C 115 -35.23 26.50 19.96
C GLU C 115 -36.45 25.61 19.80
N ALA C 116 -36.94 25.48 18.56
CA ALA C 116 -38.11 24.65 18.32
C ALA C 116 -37.86 23.20 18.70
N ALA C 117 -36.67 22.68 18.36
CA ALA C 117 -36.34 21.31 18.70
C ALA C 117 -36.33 21.11 20.21
N TYR C 118 -35.67 22.03 20.93
CA TYR C 118 -35.53 21.85 22.37
C TYR C 118 -36.90 21.88 23.06
N LEU C 119 -37.77 22.82 22.65
CA LEU C 119 -39.09 22.91 23.27
C LEU C 119 -39.91 21.66 22.97
N TYR C 120 -39.86 21.19 21.72
CA TYR C 120 -40.56 19.96 21.36
C TYR C 120 -40.06 18.79 22.19
N LEU C 121 -38.75 18.57 22.18
CA LEU C 121 -38.18 17.37 22.80
C LEU C 121 -38.29 17.42 24.32
N CYS C 122 -38.05 18.59 24.93
CA CYS C 122 -38.03 18.70 26.39
C CYS C 122 -39.34 18.24 27.02
N GLU C 123 -40.45 18.24 26.27
CA GLU C 123 -41.70 17.75 26.80
C GLU C 123 -41.75 16.22 26.80
N LYS C 124 -41.53 15.61 25.64
CA LYS C 124 -41.64 14.16 25.55
C LYS C 124 -40.34 13.51 25.99
N PRO C 125 -40.31 12.94 27.19
CA PRO C 125 -39.03 12.67 27.86
C PRO C 125 -38.23 11.52 27.27
N GLU C 126 -38.84 10.34 27.08
CA GLU C 126 -38.10 9.23 26.52
C GLU C 126 -37.63 9.54 25.10
N GLU C 127 -38.42 10.35 24.37
CA GLU C 127 -37.96 10.86 23.08
C GLU C 127 -36.81 11.83 23.26
N LEU C 128 -36.86 12.66 24.30
CA LEU C 128 -35.74 13.54 24.61
C LEU C 128 -34.54 12.76 25.09
N ALA C 129 -34.77 11.71 25.88
CA ALA C 129 -33.67 10.86 26.33
C ALA C 129 -32.93 10.25 25.14
N GLN C 130 -33.66 9.80 24.13
CA GLN C 130 -33.05 9.30 22.90
C GLN C 130 -32.01 10.28 22.36
N VAL C 131 -32.34 11.56 22.35
CA VAL C 131 -31.46 12.54 21.70
C VAL C 131 -30.22 12.79 22.55
N ILE C 132 -30.36 12.78 23.88
CA ILE C 132 -29.21 13.03 24.75
C ILE C 132 -28.16 11.95 24.55
N GLN C 133 -28.57 10.67 24.61
CA GLN C 133 -27.63 9.59 24.37
C GLN C 133 -26.97 9.74 23.00
N LEU C 134 -27.78 9.99 21.97
CA LEU C 134 -27.25 10.17 20.63
C LEU C 134 -26.30 11.36 20.57
N ALA C 135 -26.46 12.34 21.46
CA ALA C 135 -25.50 13.44 21.54
C ALA C 135 -24.18 12.96 22.12
N GLN C 136 -24.21 12.44 23.35
CA GLN C 136 -23.00 11.90 23.98
C GLN C 136 -22.25 10.99 23.04
N GLU C 137 -22.97 10.10 22.35
CA GLU C 137 -22.36 9.27 21.32
C GLU C 137 -21.79 10.13 20.19
N ARG C 138 -22.55 11.12 19.75
CA ARG C 138 -22.09 12.02 18.69
C ARG C 138 -20.92 12.89 19.15
N LEU C 139 -20.77 13.07 20.46
CA LEU C 139 -19.69 13.89 21.02
C LEU C 139 -18.41 13.10 21.22
N SER C 140 -18.50 11.92 21.84
CA SER C 140 -17.33 11.04 21.93
C SER C 140 -16.80 10.70 20.55
N GLN C 141 -17.70 10.64 19.55
CA GLN C 141 -17.27 10.59 18.16
C GLN C 141 -16.30 11.72 17.83
N ARG C 142 -16.67 12.95 18.19
CA ARG C 142 -15.80 14.09 17.94
C ARG C 142 -14.44 13.92 18.61
N LYS C 143 -14.44 13.65 19.92
CA LYS C 143 -13.19 13.55 20.66
C LYS C 143 -12.26 12.50 20.06
N ALA C 144 -12.83 11.45 19.45
CA ALA C 144 -12.02 10.44 18.79
C ALA C 144 -11.22 11.04 17.64
N ILE C 145 -11.92 11.63 16.66
CA ILE C 145 -11.24 12.26 15.53
C ILE C 145 -10.24 13.29 16.02
N ALA C 146 -10.57 14.00 17.08
CA ALA C 146 -9.62 14.93 17.68
C ALA C 146 -8.40 14.19 18.21
N ASP C 147 -8.62 13.09 18.96
CA ASP C 147 -7.50 12.32 19.47
C ASP C 147 -6.70 11.66 18.34
N TYR C 148 -7.38 11.24 17.27
CA TYR C 148 -6.68 10.61 16.16
C TYR C 148 -5.86 11.63 15.38
N LYS C 149 -6.51 12.73 14.96
CA LYS C 149 -5.79 13.77 14.23
C LYS C 149 -4.66 14.34 15.06
N ARG C 150 -4.76 14.27 16.39
CA ARG C 150 -3.73 14.81 17.27
C ARG C 150 -2.49 13.93 17.25
N ALA C 151 -2.66 12.62 17.31
CA ALA C 151 -1.52 11.72 17.29
C ALA C 151 -0.96 11.54 15.89
N LYS C 152 -1.83 11.47 14.88
CA LYS C 152 -1.37 11.36 13.50
C LYS C 152 -0.49 12.54 13.12
N THR C 153 -0.78 13.73 13.66
CA THR C 153 0.09 14.88 13.45
C THR C 153 1.35 14.76 14.31
N GLN C 155 2.98 11.89 15.07
CA GLN C 155 3.91 10.99 14.40
C GLN C 155 4.47 11.61 13.13
N GLU C 156 4.19 12.89 12.90
CA GLU C 156 4.83 13.69 11.88
C GLU C 156 5.96 14.55 12.44
N ARG C 157 6.18 14.47 13.77
CA ARG C 157 7.17 15.27 14.48
C ARG C 157 8.44 14.47 14.71
N PHE C 158 8.30 13.20 15.11
CA PHE C 158 9.47 12.36 15.42
C PHE C 158 10.07 11.79 14.15
N LEU C 159 9.23 11.51 13.17
CA LEU C 159 9.58 10.85 11.92
C LEU C 159 10.62 11.64 11.12
N THR D 81 19.81 -22.78 23.25
CA THR D 81 18.57 -22.23 23.78
C THR D 81 17.73 -21.58 22.69
N PHE D 82 17.69 -22.22 21.52
CA PHE D 82 16.95 -21.70 20.37
C PHE D 82 15.52 -22.21 20.45
N GLU D 83 14.67 -21.46 21.14
CA GLU D 83 13.25 -21.77 21.25
C GLU D 83 12.45 -20.56 20.78
N THR D 84 11.87 -20.65 19.59
CA THR D 84 11.06 -19.58 19.05
C THR D 84 9.69 -19.57 19.70
N VAL D 85 9.24 -18.39 20.10
CA VAL D 85 7.97 -18.22 20.82
C VAL D 85 6.92 -17.73 19.84
N ARG D 86 5.83 -18.48 19.70
CA ARG D 86 4.75 -18.08 18.82
C ARG D 86 4.01 -16.88 19.40
N ASN D 87 3.77 -15.87 18.56
CA ASN D 87 3.05 -14.68 18.97
C ASN D 87 2.04 -14.32 17.89
N THR D 88 1.02 -13.55 18.27
CA THR D 88 0.01 -13.08 17.34
C THR D 88 0.15 -11.57 17.18
N ILE D 89 -0.09 -11.08 15.96
CA ILE D 89 0.28 -9.72 15.58
C ILE D 89 -0.80 -9.14 14.67
N ARG D 90 -1.21 -7.91 14.93
CA ARG D 90 -2.14 -7.17 14.07
C ARG D 90 -1.48 -5.87 13.67
N ILE D 91 -1.04 -5.78 12.41
CA ILE D 91 -0.38 -4.60 11.87
C ILE D 91 -1.41 -3.77 11.12
N GLU D 92 -1.21 -2.47 11.09
CA GLU D 92 -2.10 -1.58 10.35
C GLU D 92 -1.98 -1.87 8.85
N SER D 93 -3.10 -1.69 8.14
CA SER D 93 -3.21 -2.25 6.79
C SER D 93 -2.17 -1.67 5.83
N GLU D 94 -1.92 -0.37 5.91
CA GLU D 94 -1.05 0.27 4.92
C GLU D 94 0.42 -0.04 5.19
N VAL D 95 0.81 -0.14 6.46
CA VAL D 95 2.19 -0.44 6.79
C VAL D 95 2.46 -1.93 6.68
N ASP D 96 1.45 -2.77 6.88
CA ASP D 96 1.63 -4.21 6.71
C ASP D 96 1.86 -4.56 5.24
N GLU D 97 1.18 -3.87 4.32
CA GLU D 97 1.41 -4.13 2.90
C GLU D 97 2.81 -3.73 2.49
N SER D 98 3.42 -2.78 3.21
CA SER D 98 4.77 -2.36 2.87
C SER D 98 5.82 -3.21 3.58
N LEU D 99 5.56 -3.58 4.84
CA LEU D 99 6.47 -4.47 5.55
C LEU D 99 6.49 -5.85 4.89
N ARG D 100 5.32 -6.39 4.57
CA ARG D 100 5.27 -7.63 3.81
C ARG D 100 5.86 -7.44 2.41
N GLN D 101 5.85 -6.21 1.90
CA GLN D 101 6.45 -5.95 0.59
C GLN D 101 7.97 -6.04 0.66
N LEU D 102 8.57 -5.46 1.70
CA LEU D 102 10.01 -5.56 1.91
C LEU D 102 10.47 -7.01 1.91
N CYS D 103 9.87 -7.83 2.78
CA CYS D 103 10.40 -9.17 3.00
C CYS D 103 10.31 -10.03 1.74
N HIS D 104 9.35 -9.75 0.85
CA HIS D 104 9.27 -10.53 -0.38
C HIS D 104 10.44 -10.22 -1.30
N GLU D 105 11.00 -9.02 -1.21
CA GLU D 105 12.15 -8.65 -2.02
C GLU D 105 13.47 -8.97 -1.33
N GLU D 106 13.63 -8.57 -0.07
CA GLU D 106 14.87 -8.84 0.66
C GLU D 106 14.92 -10.25 1.23
N ARG D 107 14.07 -11.15 0.74
CA ARG D 107 14.16 -12.59 1.04
C ARG D 107 14.27 -12.86 2.53
N ILE D 108 13.40 -12.20 3.30
CA ILE D 108 13.32 -12.46 4.74
C ILE D 108 11.87 -12.62 5.16
N THR D 109 11.64 -12.57 6.47
CA THR D 109 10.31 -12.71 7.05
C THR D 109 10.02 -11.50 7.93
N LYS D 110 8.73 -11.26 8.16
CA LYS D 110 8.33 -10.17 9.05
C LYS D 110 8.91 -10.38 10.45
N GLU D 111 8.89 -11.62 10.93
CA GLU D 111 9.49 -11.92 12.22
C GLU D 111 10.99 -11.69 12.20
N THR D 112 11.64 -12.03 11.08
CA THR D 112 13.08 -11.79 10.95
C THR D 112 13.38 -10.30 11.03
N TRP D 113 12.67 -9.49 10.23
CA TRP D 113 12.85 -8.05 10.25
C TRP D 113 12.66 -7.49 11.65
N LEU D 114 11.73 -8.06 12.41
CA LEU D 114 11.46 -7.59 13.76
C LEU D 114 12.68 -7.75 14.67
N GLU D 115 13.24 -8.97 14.74
CA GLU D 115 14.40 -9.18 15.59
C GLU D 115 15.58 -8.32 15.14
N ALA D 116 15.85 -8.29 13.83
CA ALA D 116 16.97 -7.52 13.32
C ALA D 116 16.83 -6.05 13.67
N ALA D 117 15.65 -5.48 13.40
CA ALA D 117 15.43 -4.08 13.73
C ALA D 117 15.43 -3.85 15.24
N TYR D 118 15.05 -4.85 16.02
CA TYR D 118 15.11 -4.68 17.47
C TYR D 118 16.56 -4.63 17.95
N LEU D 119 17.38 -5.59 17.52
CA LEU D 119 18.78 -5.61 17.94
C LEU D 119 19.51 -4.37 17.45
N TYR D 120 19.26 -3.95 16.20
CA TYR D 120 19.92 -2.78 15.67
C TYR D 120 19.49 -1.52 16.39
N LEU D 121 18.21 -1.41 16.72
CA LEU D 121 17.70 -0.26 17.45
C LEU D 121 17.97 -0.36 18.95
N CYS D 122 18.20 -1.56 19.48
CA CYS D 122 18.40 -1.69 20.92
C CYS D 122 19.68 -1.01 21.37
N GLU D 123 20.71 -0.98 20.52
CA GLU D 123 21.99 -0.46 20.96
C GLU D 123 22.09 1.04 20.77
N LYS D 124 21.27 1.61 19.89
CA LYS D 124 21.36 3.05 19.74
C LYS D 124 20.24 3.68 20.58
N PRO D 125 20.55 4.17 21.79
CA PRO D 125 19.47 4.43 22.76
C PRO D 125 18.58 5.61 22.39
N GLU D 126 19.13 6.81 22.22
CA GLU D 126 18.26 7.92 21.83
C GLU D 126 17.59 7.68 20.50
N GLU D 127 18.18 6.82 19.66
CA GLU D 127 17.51 6.38 18.46
C GLU D 127 16.28 5.54 18.80
N LEU D 128 16.43 4.60 19.73
CA LEU D 128 15.29 3.78 20.17
C LEU D 128 14.27 4.63 20.90
N ALA D 129 14.72 5.64 21.65
CA ALA D 129 13.79 6.53 22.35
C ALA D 129 12.79 7.14 21.39
N GLN D 130 13.25 7.51 20.18
CA GLN D 130 12.35 8.03 19.18
C GLN D 130 11.36 6.96 18.71
N VAL D 131 11.79 5.69 18.66
CA VAL D 131 10.89 4.63 18.23
C VAL D 131 9.77 4.43 19.24
N ILE D 132 10.10 4.53 20.54
CA ILE D 132 9.09 4.34 21.57
C ILE D 132 8.06 5.46 21.51
N GLN D 133 8.51 6.69 21.30
CA GLN D 133 7.60 7.80 21.07
C GLN D 133 6.68 7.52 19.89
N LEU D 134 7.23 7.03 18.79
CA LEU D 134 6.41 6.78 17.61
C LEU D 134 5.41 5.66 17.89
N ALA D 135 5.85 4.61 18.60
CA ALA D 135 4.93 3.56 19.02
C ALA D 135 3.98 4.06 20.10
N GLN D 136 4.44 4.97 20.96
CA GLN D 136 3.56 5.58 21.95
C GLN D 136 2.38 6.26 21.28
N GLU D 137 2.67 7.12 20.30
CA GLU D 137 1.60 7.80 19.58
C GLU D 137 0.88 6.86 18.63
N ARG D 138 1.60 5.87 18.06
CA ARG D 138 0.96 4.90 17.18
C ARG D 138 -0.11 4.09 17.90
N LEU D 139 0.10 3.81 19.18
CA LEU D 139 -0.87 3.02 19.93
C LEU D 139 -2.12 3.84 20.22
N SER D 140 -1.95 4.99 20.89
CA SER D 140 -3.09 5.84 21.18
C SER D 140 -3.77 6.33 19.91
N GLN D 141 -3.02 6.43 18.81
CA GLN D 141 -3.63 6.75 17.52
C GLN D 141 -4.62 5.67 17.11
N ARG D 142 -4.34 4.41 17.44
CA ARG D 142 -5.34 3.36 17.24
C ARG D 142 -6.47 3.48 18.24
N LYS D 143 -6.11 3.70 19.51
CA LYS D 143 -7.10 3.81 20.59
C LYS D 143 -8.18 4.83 20.25
N ALA D 144 -7.81 5.89 19.53
CA ALA D 144 -8.80 6.85 19.07
C ALA D 144 -9.71 6.24 18.00
N ILE D 145 -9.12 5.65 16.97
CA ILE D 145 -9.91 5.01 15.92
C ILE D 145 -10.74 3.87 16.50
N ALA D 146 -10.25 3.24 17.57
CA ALA D 146 -11.08 2.28 18.29
C ALA D 146 -12.26 2.98 18.96
N ASP D 147 -12.02 4.15 19.55
CA ASP D 147 -13.09 4.90 20.20
C ASP D 147 -14.05 5.49 19.18
N TYR D 148 -13.55 5.88 18.01
CA TYR D 148 -14.42 6.27 16.90
C TYR D 148 -15.34 5.11 16.52
N LYS D 149 -14.75 3.96 16.18
CA LYS D 149 -15.54 2.81 15.74
C LYS D 149 -16.52 2.36 16.82
N ARG D 150 -16.00 2.13 18.04
CA ARG D 150 -16.81 1.63 19.14
C ARG D 150 -18.02 2.52 19.41
N ALA D 151 -17.84 3.84 19.31
CA ALA D 151 -18.93 4.77 19.59
C ALA D 151 -19.77 5.10 18.38
N LYS D 152 -19.18 5.13 17.19
CA LYS D 152 -19.94 5.49 15.98
C LYS D 152 -21.00 4.46 15.64
N THR D 153 -20.85 3.22 16.10
CA THR D 153 -21.90 2.23 15.86
C THR D 153 -23.12 2.49 16.73
N GLN D 155 -24.25 5.32 17.36
CA GLN D 155 -25.06 6.32 16.68
C GLN D 155 -26.06 5.65 15.75
N GLU D 156 -25.69 4.51 15.18
CA GLU D 156 -26.57 3.74 14.32
C GLU D 156 -27.65 2.96 15.10
N ARG D 157 -27.71 3.07 16.43
CA ARG D 157 -28.70 2.32 17.21
C ARG D 157 -29.79 3.20 17.82
N PHE D 158 -29.46 4.38 18.33
CA PHE D 158 -30.48 5.32 18.79
C PHE D 158 -31.24 5.95 17.64
N LEU D 159 -30.77 5.72 16.43
CA LEU D 159 -31.23 6.41 15.26
C LEU D 159 -31.90 5.38 14.39
#